data_3LY4
#
_entry.id   3LY4
#
_cell.length_a   43.454
_cell.length_b   74.700
_cell.length_c   78.989
_cell.angle_alpha   90.00
_cell.angle_beta   90.00
_cell.angle_gamma   90.00
#
_symmetry.space_group_name_H-M   'P 21 21 21'
#
loop_
_entity.id
_entity.type
_entity.pdbx_description
1 polymer Beta-lactamase
2 non-polymer 'OPEN FORM - PENICILLIN G'
3 water water
#
_entity_poly.entity_id   1
_entity_poly.type   'polypeptide(L)'
_entity_poly.pdbx_seq_one_letter_code
;KDDFAKLEEQFDAKLGIFALDTGTNRTVAYRPDERFAFASTIKALTVGVLLQQKSIEDLNQRITYTRDDLVNYNPITEKH
VDTGMTLKELADASLRYSDNAAQNLILKQIGGPESLKKELRKIGDEVTNPERFCPELNEVNPGETQDTSTARALVTSLRA
FALEDKLPSEKRELLIDWMKRNTTGDALIRAGVPDGWEVADKTGAASYGTRNDIAIIWPPKGDPVVLAVLSSRDKKDAKY
DDKLIAEATKVVMKALN
;
_entity_poly.pdbx_strand_id   A
#
loop_
_chem_comp.id
_chem_comp.type
_chem_comp.name
_chem_comp.formula
PNM non-polymer 'OPEN FORM - PENICILLIN G' 'C16 H20 N2 O4 S'
#
# COMPACT_ATOMS: atom_id res chain seq x y z
N LYS A 1 6.68 -20.31 10.38
CA LYS A 1 7.56 -19.61 11.37
C LYS A 1 9.02 -19.79 10.97
N ASP A 2 9.42 -21.05 10.78
CA ASP A 2 10.76 -21.30 10.28
C ASP A 2 10.79 -21.18 8.76
N ASP A 3 9.65 -21.33 8.09
CA ASP A 3 9.58 -21.00 6.66
C ASP A 3 9.89 -19.53 6.38
N PHE A 4 9.30 -18.62 7.16
CA PHE A 4 9.59 -17.20 7.05
C PHE A 4 11.06 -16.86 7.42
N ALA A 5 11.60 -17.48 8.48
CA ALA A 5 13.05 -17.35 8.81
C ALA A 5 13.93 -17.88 7.69
N LYS A 6 13.53 -19.01 7.08
CA LYS A 6 14.22 -19.55 5.87
C LYS A 6 14.30 -18.51 4.76
N LEU A 7 13.17 -17.85 4.48
CA LEU A 7 13.15 -16.77 3.49
C LEU A 7 14.04 -15.61 3.87
N GLU A 8 14.05 -15.26 5.16
CA GLU A 8 14.91 -14.18 5.61
C GLU A 8 16.38 -14.63 5.40
N GLU A 9 16.62 -15.91 5.68
CA GLU A 9 17.93 -16.57 5.48
C GLU A 9 18.29 -16.48 4.00
N GLN A 10 17.43 -17.04 3.13
CA GLN A 10 17.66 -17.05 1.65
C GLN A 10 17.83 -15.69 0.98
N PHE A 11 17.13 -14.67 1.47
CA PHE A 11 17.17 -13.34 0.82
C PHE A 11 17.95 -12.29 1.57
N ASP A 12 18.51 -12.69 2.71
CA ASP A 12 19.27 -11.77 3.56
C ASP A 12 18.49 -10.46 3.83
N ALA A 13 17.29 -10.63 4.36
CA ALA A 13 16.39 -9.51 4.50
C ALA A 13 15.56 -9.78 5.72
N LYS A 14 14.89 -8.72 6.18
CA LYS A 14 13.91 -8.84 7.25
C LYS A 14 12.53 -8.74 6.64
N LEU A 15 11.68 -9.72 6.99
CA LEU A 15 10.25 -9.76 6.64
C LEU A 15 9.32 -9.30 7.76
N GLY A 16 8.27 -8.56 7.39
CA GLY A 16 7.15 -8.27 8.29
C GLY A 16 5.86 -8.73 7.62
N ILE A 17 5.18 -9.66 8.27
CA ILE A 17 4.01 -10.33 7.74
C ILE A 17 2.84 -10.21 8.71
N PHE A 18 1.70 -9.82 8.15
CA PHE A 18 0.44 -10.00 8.86
C PHE A 18 -0.62 -10.30 7.81
N ALA A 19 -1.40 -11.35 8.09
CA ALA A 19 -2.50 -11.75 7.23
C ALA A 19 -3.71 -12.03 8.10
N LEU A 20 -4.89 -11.61 7.64
CA LEU A 20 -6.14 -11.99 8.29
C LEU A 20 -7.07 -12.71 7.31
N ASP A 21 -7.51 -13.91 7.66
CA ASP A 21 -8.57 -14.57 6.93
C ASP A 21 -9.87 -14.06 7.52
N THR A 22 -10.61 -13.23 6.77
CA THR A 22 -11.85 -12.63 7.29
C THR A 22 -13.01 -13.64 7.36
N GLY A 23 -12.82 -14.78 6.71
CA GLY A 23 -13.78 -15.89 6.75
C GLY A 23 -13.66 -16.70 8.04
N THR A 24 -12.44 -16.88 8.56
CA THR A 24 -12.27 -17.67 9.81
C THR A 24 -11.69 -16.87 10.96
N ASN A 25 -11.31 -15.60 10.72
CA ASN A 25 -10.52 -14.83 11.69
C ASN A 25 -9.15 -15.43 12.02
N ARG A 26 -8.68 -16.35 11.19
CA ARG A 26 -7.32 -16.85 11.33
C ARG A 26 -6.34 -15.80 10.92
N THR A 27 -5.27 -15.71 11.69
CA THR A 27 -4.22 -14.73 11.55
C THR A 27 -2.88 -15.43 11.20
N VAL A 28 -1.80 -14.81 10.45
CA VAL A 28 -0.44 -15.28 10.19
C VAL A 28 0.45 -14.05 10.26
N ALA A 29 1.08 -14.09 11.38
CA ALA A 29 1.87 -12.97 11.81
C ALA A 29 3.32 -13.37 11.83
N TYR A 30 4.33 -12.57 11.41
CA TYR A 30 5.77 -12.79 11.55
C TYR A 30 6.39 -11.42 11.56
N ARG A 31 7.01 -11.06 12.69
CA ARG A 31 7.35 -9.67 13.03
C ARG A 31 6.15 -8.74 12.65
N PRO A 32 4.93 -9.04 13.17
CA PRO A 32 3.78 -8.20 12.75
C PRO A 32 3.86 -6.76 13.18
N ASP A 33 4.66 -6.50 14.21
CA ASP A 33 4.67 -5.17 14.84
C ASP A 33 6.01 -4.49 14.64
N GLU A 34 6.83 -5.04 13.75
CA GLU A 34 8.08 -4.40 13.35
C GLU A 34 7.86 -3.31 12.28
N ARG A 35 8.50 -2.16 12.45
CA ARG A 35 8.27 -1.02 11.56
C ARG A 35 9.15 -1.08 10.31
N PHE A 36 8.54 -0.70 9.18
CA PHE A 36 9.22 -0.60 7.87
C PHE A 36 8.72 0.72 7.28
N ALA A 37 9.51 1.33 6.40
CA ALA A 37 9.02 2.47 5.66
C ALA A 37 7.84 1.94 4.83
N PHE A 38 6.68 2.61 4.92
CA PHE A 38 5.52 2.06 4.24
C PHE A 38 5.64 2.28 2.76
N ALA A 39 6.42 3.29 2.41
CA ALA A 39 6.69 3.62 0.99
C ALA A 39 5.33 3.82 0.26
N SER A 40 5.20 3.38 -0.99
CA SER A 40 4.00 3.69 -1.77
C SER A 40 2.71 2.95 -1.39
N THR A 41 2.77 2.04 -0.43
CA THR A 41 1.55 1.37 0.06
C THR A 41 0.59 2.39 0.71
N ILE A 42 1.17 3.47 1.20
CA ILE A 42 0.43 4.57 1.82
C ILE A 42 -0.55 5.24 0.84
N LYS A 43 -0.30 5.06 -0.47
CA LYS A 43 -1.16 5.61 -1.49
C LYS A 43 -2.58 5.03 -1.38
N ALA A 44 -2.68 3.76 -1.00
CA ALA A 44 -3.98 3.10 -0.83
C ALA A 44 -4.79 3.77 0.28
N LEU A 45 -4.14 4.05 1.39
CA LEU A 45 -4.79 4.73 2.52
C LEU A 45 -5.07 6.20 2.22
N THR A 46 -4.16 6.86 1.50
CA THR A 46 -4.37 8.23 1.05
C THR A 46 -5.66 8.37 0.24
N VAL A 47 -5.90 7.40 -0.67
CA VAL A 47 -7.13 7.42 -1.45
C VAL A 47 -8.36 7.11 -0.60
N GLY A 48 -8.25 6.15 0.35
CA GLY A 48 -9.33 5.91 1.32
C GLY A 48 -9.79 7.21 2.00
N VAL A 49 -8.83 8.01 2.43
CA VAL A 49 -9.15 9.28 3.06
C VAL A 49 -9.72 10.31 2.09
N LEU A 50 -9.14 10.40 0.89
CA LEU A 50 -9.74 11.25 -0.15
C LEU A 50 -11.24 10.94 -0.38
N LEU A 51 -11.53 9.65 -0.55
CA LEU A 51 -12.89 9.12 -0.71
C LEU A 51 -13.79 9.39 0.48
N GLN A 52 -13.27 9.36 1.69
CA GLN A 52 -14.07 9.75 2.83
C GLN A 52 -14.46 11.24 2.84
N GLN A 53 -13.60 12.12 2.20
CA GLN A 53 -13.70 13.59 2.25
C GLN A 53 -14.36 14.19 1.02
N LYS A 54 -14.87 13.33 0.13
CA LYS A 54 -15.30 13.91 -1.14
C LYS A 54 -16.46 13.03 -1.53
N SER A 55 -17.56 13.60 -2.25
CA SER A 55 -18.56 12.80 -2.94
C SER A 55 -17.87 12.29 -4.20
N ILE A 56 -18.47 11.30 -4.83
CA ILE A 56 -17.91 10.80 -6.07
C ILE A 56 -17.92 11.92 -7.12
N GLU A 57 -18.99 12.72 -7.11
CA GLU A 57 -19.05 13.89 -7.98
C GLU A 57 -17.86 14.83 -7.82
N ASP A 58 -17.46 15.09 -6.58
CA ASP A 58 -16.33 16.01 -6.30
C ASP A 58 -14.97 15.51 -6.83
N LEU A 59 -14.89 14.22 -7.17
CA LEU A 59 -13.66 13.63 -7.71
C LEU A 59 -13.43 14.15 -9.14
N ASN A 60 -14.43 14.84 -9.68
CA ASN A 60 -14.26 15.43 -10.98
C ASN A 60 -13.55 16.76 -10.93
N GLN A 61 -13.29 17.27 -9.73
CA GLN A 61 -12.48 18.49 -9.58
C GLN A 61 -11.16 18.32 -10.33
N ARG A 62 -10.80 19.32 -11.14
CA ARG A 62 -9.54 19.24 -11.86
C ARG A 62 -8.41 19.86 -11.03
N ILE A 63 -7.25 19.22 -11.07
CA ILE A 63 -6.06 19.68 -10.34
C ILE A 63 -5.01 20.08 -11.40
N THR A 64 -4.57 21.33 -11.36
CA THR A 64 -3.52 21.75 -12.30
C THR A 64 -2.18 21.67 -11.61
N TYR A 65 -1.14 21.58 -12.42
CA TYR A 65 0.21 21.35 -11.95
C TYR A 65 1.16 21.61 -13.10
N THR A 66 2.43 21.79 -12.77
CA THR A 66 3.47 22.07 -13.77
C THR A 66 4.54 20.95 -13.74
N ARG A 67 5.43 20.93 -14.73
CA ARG A 67 6.60 20.04 -14.67
C ARG A 67 7.44 20.13 -13.38
N ASP A 68 7.45 21.27 -12.70
CA ASP A 68 8.18 21.39 -11.43
C ASP A 68 7.58 20.65 -10.25
N ASP A 69 6.33 20.18 -10.37
CA ASP A 69 5.73 19.33 -9.33
C ASP A 69 6.04 17.84 -9.55
N LEU A 70 6.70 17.54 -10.67
CA LEU A 70 7.07 16.16 -10.99
C LEU A 70 8.55 15.94 -10.68
N VAL A 71 8.86 14.91 -9.89
CA VAL A 71 10.25 14.58 -9.64
C VAL A 71 10.64 13.27 -10.33
N ASN A 72 10.34 12.11 -9.75
CA ASN A 72 10.99 10.88 -10.26
C ASN A 72 10.18 9.98 -11.23
N TYR A 73 9.09 9.39 -10.71
CA TYR A 73 8.38 8.25 -11.30
C TYR A 73 6.91 8.59 -11.56
N ASN A 74 6.67 9.27 -12.69
CA ASN A 74 5.38 9.90 -12.94
C ASN A 74 4.79 9.51 -14.28
N PRO A 75 4.55 8.20 -14.48
CA PRO A 75 4.17 7.72 -15.81
C PRO A 75 2.88 8.37 -16.37
N ILE A 76 1.94 8.71 -15.49
CA ILE A 76 0.67 9.22 -15.97
C ILE A 76 0.66 10.75 -15.97
N THR A 77 1.08 11.29 -14.84
CA THR A 77 1.04 12.69 -14.54
C THR A 77 1.99 13.51 -15.48
N GLU A 78 3.05 12.89 -16.00
CA GLU A 78 3.92 13.55 -16.97
C GLU A 78 3.24 13.73 -18.34
N LYS A 79 2.16 13.01 -18.58
CA LYS A 79 1.44 13.13 -19.87
C LYS A 79 0.37 14.23 -19.89
N HIS A 80 0.07 14.79 -18.71
CA HIS A 80 -1.08 15.69 -18.61
C HIS A 80 -0.78 17.06 -17.99
N VAL A 81 0.46 17.53 -18.08
CA VAL A 81 0.73 18.80 -17.40
C VAL A 81 -0.02 19.98 -18.04
N ASP A 82 -0.34 19.83 -19.32
CA ASP A 82 -1.03 20.90 -20.05
C ASP A 82 -2.47 21.09 -19.57
N THR A 83 -3.12 19.98 -19.25
CA THR A 83 -4.54 20.00 -18.88
C THR A 83 -4.77 19.85 -17.36
N GLY A 84 -3.76 19.32 -16.67
CA GLY A 84 -3.98 18.83 -15.32
C GLY A 84 -4.83 17.58 -15.38
N MET A 85 -5.28 17.11 -14.23
CA MET A 85 -6.03 15.86 -14.15
C MET A 85 -7.05 15.99 -13.02
N THR A 86 -8.14 15.28 -13.14
CA THR A 86 -9.16 15.29 -12.08
C THR A 86 -8.74 14.38 -10.94
N LEU A 87 -9.30 14.61 -9.75
CA LEU A 87 -9.02 13.78 -8.58
C LEU A 87 -9.21 12.29 -8.85
N LYS A 88 -10.26 11.97 -9.60
CA LYS A 88 -10.55 10.62 -10.07
C LYS A 88 -9.38 10.02 -10.86
N GLU A 89 -8.87 10.79 -11.83
CA GLU A 89 -7.77 10.34 -12.66
C GLU A 89 -6.47 10.24 -11.90
N LEU A 90 -6.27 11.17 -10.94
CA LEU A 90 -5.12 11.09 -10.07
C LEU A 90 -5.16 9.83 -9.16
N ALA A 91 -6.34 9.51 -8.59
CA ALA A 91 -6.49 8.29 -7.79
C ALA A 91 -6.13 7.04 -8.59
N ASP A 92 -6.66 6.97 -9.80
CA ASP A 92 -6.39 5.87 -10.73
C ASP A 92 -4.87 5.75 -10.95
N ALA A 93 -4.23 6.85 -11.31
CA ALA A 93 -2.81 6.87 -11.61
C ALA A 93 -1.97 6.47 -10.41
N SER A 94 -2.25 7.10 -9.28
CA SER A 94 -1.58 6.80 -8.00
C SER A 94 -1.65 5.32 -7.60
N LEU A 95 -2.87 4.79 -7.61
CA LEU A 95 -3.09 3.38 -7.19
C LEU A 95 -2.62 2.34 -8.24
N ARG A 96 -2.87 2.60 -9.52
CA ARG A 96 -2.63 1.57 -10.52
C ARG A 96 -1.25 1.65 -11.15
N TYR A 97 -0.61 2.84 -11.10
CA TYR A 97 0.71 2.99 -11.65
C TYR A 97 1.76 3.39 -10.64
N SER A 98 1.35 3.60 -9.40
CA SER A 98 2.14 4.26 -8.33
C SER A 98 2.79 5.54 -8.86
N ASP A 99 1.97 6.39 -9.45
CA ASP A 99 2.41 7.71 -9.95
C ASP A 99 2.71 8.56 -8.71
N ASN A 100 3.98 8.87 -8.50
CA ASN A 100 4.38 9.62 -7.32
C ASN A 100 3.78 11.04 -7.22
N ALA A 101 3.73 11.73 -8.35
CA ALA A 101 3.18 13.08 -8.41
C ALA A 101 1.66 13.05 -8.18
N ALA A 102 0.99 12.02 -8.70
CA ALA A 102 -0.43 11.93 -8.50
C ALA A 102 -0.71 11.81 -7.00
N GLN A 103 0.09 10.96 -6.34
CA GLN A 103 0.02 10.80 -4.90
C GLN A 103 0.24 12.12 -4.17
N ASN A 104 1.25 12.89 -4.58
CA ASN A 104 1.51 14.12 -3.91
C ASN A 104 0.37 15.08 -4.07
N LEU A 105 -0.26 15.06 -5.23
CA LEU A 105 -1.40 15.96 -5.48
C LEU A 105 -2.61 15.57 -4.64
N ILE A 106 -2.87 14.26 -4.54
CA ILE A 106 -3.94 13.82 -3.67
C ILE A 106 -3.68 14.13 -2.17
N LEU A 107 -2.44 13.88 -1.72
CA LEU A 107 -2.02 14.19 -0.34
C LEU A 107 -2.20 15.67 0.05
N LYS A 108 -1.82 16.56 -0.86
CA LYS A 108 -2.08 18.02 -0.72
C LYS A 108 -3.56 18.27 -0.54
N GLN A 109 -4.36 17.66 -1.42
CA GLN A 109 -5.81 17.85 -1.47
C GLN A 109 -6.47 17.46 -0.14
N ILE A 110 -5.97 16.39 0.49
CA ILE A 110 -6.55 15.95 1.74
C ILE A 110 -5.96 16.71 2.95
N GLY A 111 -5.00 17.60 2.71
CA GLY A 111 -4.41 18.39 3.78
C GLY A 111 -3.04 17.94 4.24
N GLY A 112 -2.35 17.14 3.44
CA GLY A 112 -0.98 16.73 3.75
C GLY A 112 -0.77 15.61 4.76
N PRO A 113 0.48 15.30 5.08
CA PRO A 113 0.67 14.14 5.93
C PRO A 113 0.04 14.33 7.32
N GLU A 114 -0.03 15.57 7.81
CA GLU A 114 -0.69 15.86 9.12
C GLU A 114 -2.16 15.44 9.14
N SER A 115 -2.88 15.76 8.09
CA SER A 115 -4.29 15.36 7.98
C SER A 115 -4.48 13.85 7.75
N LEU A 116 -3.63 13.25 6.90
CA LEU A 116 -3.58 11.79 6.78
C LEU A 116 -3.42 11.10 8.14
N LYS A 117 -2.45 11.55 8.93
CA LYS A 117 -2.25 10.97 10.26
C LYS A 117 -3.49 11.16 11.15
N LYS A 118 -4.00 12.39 11.20
CA LYS A 118 -5.24 12.68 11.93
C LYS A 118 -6.31 11.66 11.60
N GLU A 119 -6.62 11.50 10.31
CA GLU A 119 -7.69 10.55 9.90
C GLU A 119 -7.41 9.08 10.24
N LEU A 120 -6.15 8.63 10.12
CA LEU A 120 -5.78 7.29 10.49
C LEU A 120 -5.93 7.10 12.01
N ARG A 121 -5.54 8.10 12.79
CA ARG A 121 -5.74 7.98 14.25
C ARG A 121 -7.23 7.83 14.57
N LYS A 122 -8.06 8.53 13.81
CA LYS A 122 -9.51 8.52 13.97
C LYS A 122 -10.08 7.15 13.67
N ILE A 123 -9.51 6.40 12.72
CA ILE A 123 -9.96 5.01 12.49
C ILE A 123 -9.31 3.98 13.41
N GLY A 124 -8.48 4.44 14.33
CA GLY A 124 -7.89 3.54 15.32
C GLY A 124 -6.53 3.00 14.92
N ASP A 125 -5.87 3.65 13.97
CA ASP A 125 -4.49 3.28 13.62
C ASP A 125 -3.55 4.19 14.40
N GLU A 126 -2.96 3.65 15.47
CA GLU A 126 -2.04 4.38 16.35
C GLU A 126 -0.59 4.30 15.83
N VAL A 127 -0.38 3.50 14.77
CA VAL A 127 1.00 3.14 14.38
C VAL A 127 1.51 3.82 13.13
N THR A 128 0.67 3.93 12.12
CA THR A 128 1.11 4.50 10.85
C THR A 128 1.48 5.96 11.06
N ASN A 129 2.73 6.32 10.75
CA ASN A 129 3.25 7.67 11.02
C ASN A 129 3.53 8.50 9.75
N PRO A 130 2.48 9.02 9.06
CA PRO A 130 2.79 9.91 7.93
C PRO A 130 3.43 11.20 8.44
N GLU A 131 4.46 11.66 7.75
CA GLU A 131 5.26 12.79 8.22
C GLU A 131 5.60 13.76 7.08
N ARG A 132 6.05 13.21 5.96
CA ARG A 132 6.56 14.00 4.85
C ARG A 132 5.72 13.81 3.59
N PHE A 133 5.56 14.88 2.82
CA PHE A 133 5.13 14.75 1.44
C PHE A 133 6.29 14.11 0.71
N CYS A 134 5.97 13.33 -0.30
CA CYS A 134 6.98 12.79 -1.16
C CYS A 134 8.01 11.82 -0.62
N PRO A 135 7.67 10.90 0.29
CA PRO A 135 8.50 10.78 1.48
C PRO A 135 9.68 9.95 0.90
N GLU A 136 9.48 9.41 -0.31
CA GLU A 136 10.47 8.72 -1.15
C GLU A 136 11.69 9.58 -1.45
N LEU A 137 11.51 10.89 -1.38
CA LEU A 137 12.60 11.84 -1.57
C LEU A 137 13.59 11.91 -0.40
N ASN A 138 13.22 11.33 0.74
CA ASN A 138 14.11 11.26 1.92
C ASN A 138 14.25 9.84 2.44
N GLU A 139 15.43 9.51 2.94
CA GLU A 139 15.74 8.18 3.50
C GLU A 139 15.10 7.96 4.87
N VAL A 140 14.55 6.77 5.09
CA VAL A 140 14.12 6.36 6.43
C VAL A 140 15.24 5.46 6.97
N ASN A 141 16.06 6.01 7.86
CA ASN A 141 17.22 5.28 8.40
C ASN A 141 16.82 4.35 9.51
N PRO A 142 17.63 3.30 9.76
CA PRO A 142 17.16 2.30 10.69
C PRO A 142 16.82 2.97 12.02
N GLY A 143 15.69 2.57 12.61
CA GLY A 143 15.27 3.12 13.88
C GLY A 143 14.45 4.39 13.75
N GLU A 144 14.47 5.04 12.60
CA GLU A 144 13.59 6.20 12.38
C GLU A 144 12.14 5.70 12.20
N THR A 145 11.19 6.43 12.80
CA THR A 145 9.80 6.05 12.78
C THR A 145 8.92 6.94 11.88
N GLN A 146 9.48 8.04 11.34
CA GLN A 146 8.74 8.88 10.40
C GLN A 146 8.49 8.08 9.11
N ASP A 147 7.26 8.18 8.58
CA ASP A 147 6.85 7.45 7.38
C ASP A 147 6.96 5.92 7.42
N THR A 148 6.70 5.38 8.60
CA THR A 148 6.70 3.96 8.79
C THR A 148 5.34 3.45 9.26
N SER A 149 5.15 2.16 9.07
CA SER A 149 4.06 1.45 9.70
C SER A 149 4.47 0.01 9.95
N THR A 150 3.50 -0.84 10.27
CA THR A 150 3.78 -2.25 10.53
C THR A 150 2.84 -3.05 9.65
N ALA A 151 3.18 -4.33 9.44
CA ALA A 151 2.32 -5.22 8.68
C ALA A 151 0.92 -5.19 9.31
N ARG A 152 0.83 -5.38 10.63
CA ARG A 152 -0.46 -5.49 11.26
C ARG A 152 -1.27 -4.19 11.11
N ALA A 153 -0.65 -3.03 11.25
CA ALA A 153 -1.43 -1.79 11.18
C ALA A 153 -1.89 -1.54 9.74
N LEU A 154 -1.00 -1.81 8.78
CA LEU A 154 -1.34 -1.59 7.39
C LEU A 154 -2.50 -2.49 7.01
N VAL A 155 -2.46 -3.74 7.47
CA VAL A 155 -3.63 -4.61 7.18
C VAL A 155 -4.93 -4.12 7.79
N THR A 156 -4.82 -3.65 9.01
CA THR A 156 -5.98 -3.16 9.77
C THR A 156 -6.62 -1.94 9.11
N SER A 157 -5.80 -0.98 8.71
CA SER A 157 -6.30 0.24 8.12
C SER A 157 -6.81 -0.03 6.70
N LEU A 158 -6.13 -0.92 5.95
CA LEU A 158 -6.60 -1.31 4.64
C LEU A 158 -7.95 -2.01 4.72
N ARG A 159 -8.11 -2.90 5.70
CA ARG A 159 -9.39 -3.60 5.81
C ARG A 159 -10.46 -2.56 6.20
N ALA A 160 -10.13 -1.61 7.06
CA ALA A 160 -11.10 -0.63 7.55
C ALA A 160 -11.77 0.10 6.38
N PHE A 161 -10.92 0.63 5.51
CA PHE A 161 -11.38 1.38 4.31
C PHE A 161 -11.98 0.49 3.26
N ALA A 162 -11.33 -0.61 2.94
CA ALA A 162 -11.71 -1.37 1.78
C ALA A 162 -12.89 -2.32 2.06
N LEU A 163 -12.96 -2.81 3.29
CA LEU A 163 -13.88 -3.92 3.61
C LEU A 163 -14.92 -3.63 4.68
N GLU A 164 -14.65 -2.67 5.56
CA GLU A 164 -15.51 -2.41 6.70
C GLU A 164 -16.33 -1.12 6.45
N ASP A 165 -16.49 -0.23 7.44
CA ASP A 165 -17.42 0.92 7.35
C ASP A 165 -16.79 2.30 7.37
N LYS A 166 -15.52 2.37 7.02
CA LYS A 166 -14.92 3.68 6.91
C LYS A 166 -15.35 4.41 5.62
N LEU A 167 -15.95 3.66 4.70
CA LEU A 167 -16.40 4.20 3.43
C LEU A 167 -17.74 3.62 3.14
N PRO A 168 -18.62 4.42 2.49
CA PRO A 168 -19.89 3.90 2.05
C PRO A 168 -19.62 2.99 0.84
N SER A 169 -20.56 2.13 0.49
CA SER A 169 -20.25 1.05 -0.44
C SER A 169 -19.79 1.47 -1.86
N GLU A 170 -20.33 2.54 -2.43
CA GLU A 170 -19.95 2.96 -3.81
C GLU A 170 -18.48 3.43 -3.85
N LYS A 171 -18.05 4.07 -2.78
CA LYS A 171 -16.65 4.53 -2.66
C LYS A 171 -15.68 3.37 -2.32
N ARG A 172 -16.12 2.44 -1.47
CA ARG A 172 -15.35 1.25 -1.16
C ARG A 172 -15.12 0.43 -2.46
N GLU A 173 -16.13 0.40 -3.31
CA GLU A 173 -16.08 -0.24 -4.61
C GLU A 173 -15.06 0.35 -5.59
N LEU A 174 -14.95 1.68 -5.60
CA LEU A 174 -13.95 2.42 -6.43
C LEU A 174 -12.55 2.08 -6.00
N LEU A 175 -12.33 2.12 -4.69
CA LEU A 175 -11.01 1.77 -4.12
C LEU A 175 -10.61 0.34 -4.53
N ILE A 176 -11.52 -0.61 -4.31
CA ILE A 176 -11.29 -2.02 -4.63
C ILE A 176 -11.02 -2.26 -6.14
N ASP A 177 -11.78 -1.56 -6.99
CA ASP A 177 -11.60 -1.69 -8.43
C ASP A 177 -10.22 -1.22 -8.85
N TRP A 178 -9.80 -0.05 -8.38
CA TRP A 178 -8.48 0.48 -8.72
C TRP A 178 -7.41 -0.51 -8.25
N MET A 179 -7.47 -0.93 -6.99
CA MET A 179 -6.49 -1.88 -6.49
C MET A 179 -6.45 -3.23 -7.22
N LYS A 180 -7.64 -3.76 -7.59
CA LYS A 180 -7.71 -5.02 -8.35
C LYS A 180 -7.02 -4.82 -9.70
N ARG A 181 -7.10 -3.59 -10.19
CA ARG A 181 -6.57 -3.27 -11.49
C ARG A 181 -5.16 -2.68 -11.46
N ASN A 182 -4.48 -2.83 -10.34
CA ASN A 182 -3.09 -2.44 -10.26
C ASN A 182 -2.20 -3.09 -11.32
N THR A 183 -1.34 -2.28 -11.93
CA THR A 183 -0.33 -2.71 -12.92
C THR A 183 1.08 -3.06 -12.36
N THR A 184 1.37 -2.73 -11.09
CA THR A 184 2.75 -2.71 -10.57
C THR A 184 3.12 -3.93 -9.72
N GLY A 185 2.16 -4.84 -9.57
CA GLY A 185 2.38 -5.92 -8.61
C GLY A 185 2.40 -7.36 -9.07
N ASP A 186 2.60 -7.59 -10.36
CA ASP A 186 2.51 -8.96 -10.85
C ASP A 186 3.48 -9.95 -10.24
N ALA A 187 4.66 -9.47 -9.85
CA ALA A 187 5.73 -10.34 -9.38
C ALA A 187 5.73 -10.40 -7.85
N LEU A 188 4.74 -9.76 -7.20
CA LEU A 188 4.71 -9.70 -5.72
C LEU A 188 3.63 -10.61 -5.15
N ILE A 189 2.70 -10.05 -4.37
CA ILE A 189 1.62 -10.87 -3.75
C ILE A 189 0.89 -11.69 -4.78
N ARG A 190 0.56 -11.08 -5.93
CA ARG A 190 -0.07 -11.83 -7.04
C ARG A 190 0.68 -13.07 -7.50
N ALA A 191 2.00 -13.07 -7.44
CA ALA A 191 2.77 -14.23 -7.91
C ALA A 191 2.79 -15.40 -6.91
N GLY A 192 2.29 -15.13 -5.70
CA GLY A 192 2.28 -16.10 -4.58
C GLY A 192 0.92 -16.68 -4.27
N VAL A 193 -0.09 -16.19 -4.98
CA VAL A 193 -1.47 -16.53 -4.74
C VAL A 193 -1.90 -17.64 -5.76
N PRO A 194 -2.85 -18.54 -5.38
CA PRO A 194 -3.35 -19.54 -6.33
C PRO A 194 -3.95 -18.91 -7.62
N ASP A 195 -3.83 -19.60 -8.75
CA ASP A 195 -4.26 -19.02 -10.04
C ASP A 195 -5.76 -18.83 -10.08
N GLY A 196 -6.19 -17.79 -10.80
CA GLY A 196 -7.60 -17.41 -10.87
C GLY A 196 -8.02 -16.35 -9.86
N TRP A 197 -7.77 -16.67 -8.58
CA TRP A 197 -8.07 -15.82 -7.40
C TRP A 197 -7.84 -14.34 -7.61
N GLU A 198 -8.85 -13.53 -7.26
CA GLU A 198 -8.73 -12.08 -7.44
C GLU A 198 -7.88 -11.42 -6.38
N VAL A 199 -7.06 -10.45 -6.81
CA VAL A 199 -6.14 -9.76 -5.91
C VAL A 199 -6.27 -8.25 -6.08
N ALA A 200 -6.43 -7.50 -4.99
CA ALA A 200 -6.33 -6.02 -5.05
C ALA A 200 -5.07 -5.69 -4.28
N ASP A 201 -4.10 -5.01 -4.88
CA ASP A 201 -2.90 -4.80 -4.14
C ASP A 201 -2.37 -3.40 -4.37
N LYS A 202 -1.50 -2.99 -3.44
CA LYS A 202 -0.67 -1.80 -3.60
C LYS A 202 0.77 -2.06 -3.14
N THR A 203 1.71 -1.81 -4.04
CA THR A 203 3.14 -2.03 -3.84
C THR A 203 3.86 -0.76 -3.35
N GLY A 204 5.09 -0.96 -2.90
CA GLY A 204 5.93 0.11 -2.46
C GLY A 204 7.39 -0.38 -2.53
N ALA A 205 8.28 0.58 -2.61
CA ALA A 205 9.70 0.27 -2.72
C ALA A 205 10.38 1.51 -2.19
N ALA A 206 11.45 1.49 -1.26
CA ALA A 206 12.16 2.63 -0.78
C ALA A 206 13.63 2.30 -0.75
N SER A 207 14.38 3.11 -0.07
CA SER A 207 15.75 2.72 0.24
C SER A 207 15.79 1.64 1.30
N TYR A 208 17.25 1.21 1.70
CA TYR A 208 17.46 0.05 2.56
C TYR A 208 16.72 -1.19 2.05
N GLY A 209 16.56 -1.28 0.72
CA GLY A 209 16.08 -2.49 0.07
C GLY A 209 14.64 -2.79 0.50
N THR A 210 13.87 -1.73 0.71
CA THR A 210 12.50 -1.87 1.20
C THR A 210 11.58 -2.33 0.08
N ARG A 211 10.86 -3.41 0.32
CA ARG A 211 10.01 -3.93 -0.73
C ARG A 211 8.73 -4.47 -0.10
N ASN A 212 7.61 -3.84 -0.44
CA ASN A 212 6.33 -4.01 0.23
C ASN A 212 5.22 -4.29 -0.74
N ASP A 213 4.23 -5.00 -0.25
CA ASP A 213 3.00 -5.13 -0.96
C ASP A 213 1.93 -5.32 0.11
N ILE A 214 0.79 -4.64 -0.07
CA ILE A 214 -0.42 -4.92 0.72
C ILE A 214 -1.55 -5.31 -0.20
N ALA A 215 -2.39 -6.24 0.25
CA ALA A 215 -3.39 -6.82 -0.66
C ALA A 215 -4.67 -7.27 0.05
N ILE A 216 -5.75 -7.29 -0.70
CA ILE A 216 -6.95 -8.10 -0.43
C ILE A 216 -7.03 -9.21 -1.53
N ILE A 217 -7.27 -10.42 -1.07
CA ILE A 217 -7.15 -11.60 -1.85
C ILE A 217 -8.48 -12.33 -1.65
N TRP A 218 -9.22 -12.58 -2.73
CA TRP A 218 -10.48 -13.35 -2.67
C TRP A 218 -10.34 -14.78 -3.16
N PRO A 219 -10.53 -16.07 -2.49
CA PRO A 219 -10.82 -17.45 -2.85
C PRO A 219 -12.00 -17.45 -3.77
N PRO A 220 -11.89 -17.96 -5.23
CA PRO A 220 -13.17 -18.38 -5.77
C PRO A 220 -14.36 -18.08 -4.84
N LYS A 221 -14.51 -19.09 -3.93
CA LYS A 221 -15.68 -19.04 -3.05
C LYS A 221 -15.29 -18.69 -1.61
N GLY A 222 -15.87 -17.62 -1.07
CA GLY A 222 -15.58 -17.24 0.31
C GLY A 222 -15.00 -15.85 0.60
N ASP A 223 -14.81 -15.59 1.89
CA ASP A 223 -14.43 -14.27 2.38
C ASP A 223 -12.98 -13.97 2.05
N PRO A 224 -12.64 -12.68 1.88
CA PRO A 224 -11.25 -12.38 1.51
C PRO A 224 -10.18 -12.50 2.62
N VAL A 225 -8.93 -12.53 2.17
CA VAL A 225 -7.79 -12.46 3.05
C VAL A 225 -7.23 -11.06 2.89
N VAL A 226 -6.87 -10.42 4.00
CA VAL A 226 -6.12 -9.20 3.87
C VAL A 226 -4.71 -9.37 4.40
N LEU A 227 -3.74 -8.92 3.59
CA LEU A 227 -2.34 -9.29 3.78
C LEU A 227 -1.36 -8.13 3.61
N ALA A 228 -0.36 -7.99 4.49
CA ALA A 228 0.79 -7.11 4.25
C ALA A 228 2.08 -7.92 4.35
N VAL A 229 2.92 -7.76 3.33
CA VAL A 229 4.27 -8.32 3.31
C VAL A 229 5.20 -7.14 3.14
N LEU A 230 5.95 -6.84 4.18
CA LEU A 230 6.91 -5.74 4.19
C LEU A 230 8.28 -6.36 4.31
N SER A 231 9.26 -5.73 3.67
CA SER A 231 10.61 -6.23 3.69
C SER A 231 11.58 -5.08 3.69
N SER A 232 12.68 -5.29 4.39
CA SER A 232 13.83 -4.42 4.24
C SER A 232 15.13 -5.16 4.52
N ARG A 233 16.21 -4.44 4.34
CA ARG A 233 17.56 -5.00 4.33
C ARG A 233 18.52 -4.06 5.07
N ASP A 234 19.73 -4.55 5.31
CA ASP A 234 20.66 -3.84 6.23
C ASP A 234 21.24 -2.57 5.65
N LYS A 235 21.53 -2.58 4.36
CA LYS A 235 22.30 -1.52 3.73
C LYS A 235 21.40 -0.56 2.95
N LYS A 236 21.74 0.72 3.05
CA LYS A 236 20.97 1.81 2.43
C LYS A 236 20.70 1.62 0.94
N ASP A 237 21.67 1.05 0.23
CA ASP A 237 21.56 0.90 -1.23
C ASP A 237 21.36 -0.55 -1.56
N ALA A 238 20.90 -1.31 -0.58
CA ALA A 238 20.60 -2.72 -0.76
C ALA A 238 19.61 -2.94 -1.92
N LYS A 239 19.78 -4.05 -2.64
CA LYS A 239 18.83 -4.38 -3.69
C LYS A 239 17.70 -5.09 -3.03
N TYR A 240 16.50 -5.02 -3.61
CA TYR A 240 15.43 -5.95 -3.18
C TYR A 240 15.19 -7.05 -4.24
N ASP A 241 14.49 -8.11 -3.83
CA ASP A 241 14.07 -9.12 -4.79
C ASP A 241 12.59 -9.41 -4.64
N ASP A 242 11.78 -9.08 -5.65
CA ASP A 242 10.32 -9.31 -5.61
C ASP A 242 9.98 -10.77 -5.22
N LYS A 243 10.91 -11.70 -5.52
CA LYS A 243 10.68 -13.14 -5.28
C LYS A 243 10.45 -13.40 -3.81
N LEU A 244 11.10 -12.61 -2.96
CA LEU A 244 10.98 -12.71 -1.51
C LEU A 244 9.49 -12.51 -1.14
N ILE A 245 8.86 -11.49 -1.73
CA ILE A 245 7.43 -11.18 -1.45
C ILE A 245 6.54 -12.32 -1.96
N ALA A 246 6.78 -12.74 -3.20
CA ALA A 246 6.00 -13.83 -3.78
C ALA A 246 6.11 -15.09 -2.92
N GLU A 247 7.33 -15.40 -2.50
CA GLU A 247 7.57 -16.60 -1.68
C GLU A 247 7.01 -16.51 -0.28
N ALA A 248 7.11 -15.35 0.35
CA ALA A 248 6.44 -15.11 1.65
C ALA A 248 4.93 -15.24 1.55
N THR A 249 4.35 -14.83 0.41
CA THR A 249 2.92 -14.97 0.13
C THR A 249 2.52 -16.44 0.01
N LYS A 250 3.35 -17.23 -0.67
CA LYS A 250 3.19 -18.70 -0.69
C LYS A 250 3.08 -19.33 0.71
N VAL A 251 4.03 -19.00 1.58
CA VAL A 251 3.97 -19.46 2.99
C VAL A 251 2.67 -19.06 3.70
N VAL A 252 2.25 -17.80 3.56
CA VAL A 252 0.99 -17.32 4.16
C VAL A 252 -0.17 -18.16 3.64
N MET A 253 -0.22 -18.33 2.32
CA MET A 253 -1.29 -19.09 1.70
C MET A 253 -1.35 -20.55 2.19
N LYS A 254 -0.19 -21.20 2.25
CA LYS A 254 -0.06 -22.50 2.94
C LYS A 254 -0.72 -22.49 4.33
N ALA A 255 -0.25 -21.60 5.19
CA ALA A 255 -0.71 -21.46 6.55
C ALA A 255 -2.20 -21.20 6.68
N LEU A 256 -2.78 -20.54 5.69
CA LEU A 256 -4.22 -20.27 5.72
C LEU A 256 -5.06 -21.42 5.19
N ASN A 257 -4.39 -22.48 4.76
CA ASN A 257 -5.08 -23.63 4.18
C ASN A 257 -4.67 -24.96 4.81
O8 PNM B . 6.87 3.12 -3.29
C7 PNM B . 6.75 4.26 -3.74
N4 PNM B . 6.23 2.88 -6.03
C3 PNM B . 7.00 1.72 -6.43
C11 PNM B . 6.12 0.51 -6.43
O13 PNM B . 6.67 -0.59 -6.45
O12 PNM B . 4.88 0.67 -6.45
C2 PNM B . 7.71 2.03 -7.75
C10 PNM B . 9.03 1.29 -7.83
C9 PNM B . 6.90 1.77 -9.02
S1 PNM B . 8.02 3.77 -7.61
C5 PNM B . 6.88 4.16 -6.30
C6 PNM B . 7.48 4.75 -4.98
N14 PNM B . 8.89 4.51 -4.72
C15 PNM B . 9.79 5.39 -5.14
O16 PNM B . 9.44 6.39 -5.77
C17 PNM B . 11.25 5.17 -4.78
C18 PNM B . 11.94 3.90 -5.25
C19 PNM B . 12.93 3.33 -4.43
C20 PNM B . 13.60 2.16 -4.82
C21 PNM B . 13.29 1.56 -6.05
C22 PNM B . 12.33 2.12 -6.88
C23 PNM B . 11.65 3.29 -6.48
#